data_2RCN
#
_entry.id   2RCN
#
_cell.length_a   92.838
_cell.length_b   92.838
_cell.length_c   70.227
_cell.angle_alpha   90.00
_cell.angle_beta   90.00
_cell.angle_gamma   120.00
#
_symmetry.space_group_name_H-M   'P 31 2 1'
#
loop_
_entity.id
_entity.type
_entity.pdbx_description
1 polymer 'Probable GTPase engC'
2 non-polymer 'ZINC ION'
3 non-polymer 'MAGNESIUM ION'
4 non-polymer "GUANOSINE-5'-DIPHOSPHATE"
5 water water
#
_entity_poly.entity_id   1
_entity_poly.type   'polypeptide(L)'
_entity_poly.pdbx_seq_one_letter_code
;MGDQEPVRLSKNKLSKGQQRRVNANHQRRLKTSAEKADYDDNLFGEPAEGIVISRFGMHADVESADGEVHRCNIRRTIRS
LVTGDRVVWRPGKAAAEGVNVKGIVEAVHERTSVLTRPDFYDGVKPIAANIDQIVIVSAILPELSLNIIDRYLVGCETLQ
VEPLIVLNKIDLLDDEGMDFVNEQMDIYRNIGYRVLMVSSHTQDGLKPLEEALTGRISIFAGQSGVGKSSLLNALLGLQN
EILTNDVSNVSGLGQHTTTAARLYHFPHGGDVIDSPGVREFGLWHLEPEQITQGFVEFHDYLGHCKYRDCKHDADPGCAI
REAVENGAIAETRFENYHRILESMAQVKTRKNFSDTDD
;
_entity_poly.pdbx_strand_id   A
#
# COMPACT_ATOMS: atom_id res chain seq x y z
N LEU A 43 18.18 16.20 -31.14
CA LEU A 43 19.33 16.49 -30.24
C LEU A 43 18.83 16.99 -28.88
N PHE A 44 19.31 16.37 -27.81
CA PHE A 44 18.90 16.75 -26.46
C PHE A 44 20.04 17.28 -25.61
N GLY A 45 19.71 17.81 -24.43
CA GLY A 45 20.71 18.37 -23.54
C GLY A 45 21.35 17.40 -22.56
N GLU A 46 21.73 17.93 -21.40
CA GLU A 46 22.36 17.14 -20.35
C GLU A 46 21.38 16.23 -19.62
N PRO A 47 21.83 15.04 -19.25
CA PRO A 47 20.94 14.11 -18.55
C PRO A 47 20.61 14.68 -17.17
N ALA A 48 19.49 14.24 -16.61
CA ALA A 48 19.09 14.68 -15.28
C ALA A 48 18.23 13.58 -14.68
N GLU A 49 18.04 13.61 -13.37
CA GLU A 49 17.22 12.62 -12.71
C GLU A 49 15.78 13.11 -12.78
N GLY A 50 14.84 12.17 -12.66
CA GLY A 50 13.44 12.53 -12.68
C GLY A 50 12.60 11.36 -12.22
N ILE A 51 11.31 11.62 -12.02
CA ILE A 51 10.39 10.57 -11.60
C ILE A 51 9.19 10.70 -12.53
N VAL A 52 8.58 9.56 -12.90
CA VAL A 52 7.42 9.58 -13.78
C VAL A 52 6.15 9.97 -13.03
N ILE A 53 5.62 11.14 -13.34
CA ILE A 53 4.40 11.61 -12.71
C ILE A 53 3.21 10.87 -13.28
N SER A 54 3.26 10.60 -14.58
CA SER A 54 2.19 9.90 -15.25
C SER A 54 2.63 9.35 -16.61
N ARG A 55 2.15 8.16 -16.95
CA ARG A 55 2.48 7.49 -18.21
C ARG A 55 1.41 7.76 -19.26
N PHE A 56 1.70 8.65 -20.21
CA PHE A 56 0.78 9.02 -21.27
C PHE A 56 0.66 8.00 -22.41
N GLY A 57 0.70 6.71 -22.08
CA GLY A 57 0.58 5.69 -23.11
C GLY A 57 1.80 5.60 -23.99
N MET A 58 2.11 6.67 -24.72
CA MET A 58 3.27 6.68 -25.60
C MET A 58 4.33 7.64 -25.06
N HIS A 59 3.89 8.57 -24.22
CA HIS A 59 4.79 9.55 -23.62
C HIS A 59 4.71 9.48 -22.09
N ALA A 60 5.45 10.36 -21.44
CA ALA A 60 5.45 10.39 -19.99
C ALA A 60 5.77 11.79 -19.49
N ASP A 61 5.11 12.18 -18.41
CA ASP A 61 5.38 13.48 -17.82
C ASP A 61 6.35 13.18 -16.68
N VAL A 62 7.57 13.69 -16.84
CA VAL A 62 8.62 13.46 -15.87
C VAL A 62 8.89 14.69 -15.01
N GLU A 63 8.87 14.53 -13.70
CA GLU A 63 9.20 15.66 -12.85
C GLU A 63 10.69 15.59 -12.65
N SER A 64 11.40 16.66 -13.01
CA SER A 64 12.84 16.69 -12.86
C SER A 64 13.20 16.86 -11.39
N ALA A 65 14.48 16.60 -11.09
CA ALA A 65 14.99 16.73 -9.73
C ALA A 65 14.91 18.17 -9.23
N ASP A 66 14.56 19.09 -10.12
CA ASP A 66 14.45 20.50 -9.76
C ASP A 66 12.99 20.94 -9.70
N GLY A 67 12.09 19.98 -9.81
CA GLY A 67 10.67 20.29 -9.74
C GLY A 67 9.92 20.57 -11.03
N GLU A 68 10.62 20.89 -12.12
CA GLU A 68 9.91 21.15 -13.37
C GLU A 68 9.46 19.89 -14.08
N VAL A 69 8.22 19.91 -14.57
CA VAL A 69 7.65 18.77 -15.28
C VAL A 69 7.84 18.88 -16.79
N HIS A 70 8.32 17.81 -17.40
CA HIS A 70 8.55 17.79 -18.85
C HIS A 70 7.89 16.58 -19.51
N ARG A 71 7.11 16.84 -20.55
CA ARG A 71 6.47 15.75 -21.29
C ARG A 71 7.58 15.18 -22.16
N CYS A 72 7.88 13.89 -22.00
CA CYS A 72 8.96 13.26 -22.77
C CYS A 72 8.55 12.03 -23.57
N ASN A 73 9.35 11.74 -24.59
CA ASN A 73 9.15 10.55 -25.42
C ASN A 73 9.88 9.45 -24.65
N ILE A 74 9.77 8.23 -25.13
CA ILE A 74 10.40 7.11 -24.46
C ILE A 74 11.25 6.30 -25.43
N ARG A 75 12.51 6.10 -25.07
CA ARG A 75 13.43 5.33 -25.91
C ARG A 75 12.85 3.94 -26.19
N ARG A 76 12.99 3.48 -27.43
CA ARG A 76 12.51 2.16 -27.83
C ARG A 76 13.11 1.07 -26.94
N THR A 77 14.32 1.31 -26.44
CA THR A 77 14.99 0.33 -25.60
C THR A 77 14.38 0.18 -24.21
N ILE A 78 13.48 1.10 -23.84
CA ILE A 78 12.83 1.04 -22.54
C ILE A 78 11.75 -0.04 -22.61
N ARG A 79 11.92 -1.13 -21.86
CA ARG A 79 10.97 -2.23 -21.85
C ARG A 79 9.66 -1.94 -21.10
N SER A 80 9.71 -1.07 -20.08
CA SER A 80 8.49 -0.72 -19.34
C SER A 80 8.70 0.51 -18.49
N LEU A 81 7.74 1.42 -18.55
CA LEU A 81 7.80 2.67 -17.79
C LEU A 81 6.45 2.94 -17.15
N VAL A 82 6.44 3.11 -15.84
CA VAL A 82 5.19 3.38 -15.12
C VAL A 82 5.35 4.52 -14.12
N THR A 83 4.22 5.05 -13.65
CA THR A 83 4.23 6.13 -12.68
C THR A 83 5.05 5.68 -11.47
N GLY A 84 5.89 6.58 -10.97
CA GLY A 84 6.72 6.24 -9.83
C GLY A 84 8.13 5.81 -10.21
N ASP A 85 8.37 5.47 -11.48
CA ASP A 85 9.70 5.05 -11.91
C ASP A 85 10.67 6.22 -11.83
N ARG A 86 11.89 5.92 -11.39
CA ARG A 86 12.94 6.92 -11.30
C ARG A 86 13.67 6.80 -12.63
N VAL A 87 13.85 7.93 -13.29
CA VAL A 87 14.43 7.93 -14.62
C VAL A 87 15.57 8.90 -14.87
N VAL A 88 16.32 8.61 -15.94
CA VAL A 88 17.40 9.47 -16.41
C VAL A 88 16.79 10.01 -17.71
N TRP A 89 16.58 11.32 -17.77
CA TRP A 89 16.00 11.94 -18.94
C TRP A 89 16.84 13.12 -19.40
N ARG A 90 16.54 13.61 -20.59
CA ARG A 90 17.27 14.74 -21.17
C ARG A 90 16.28 15.72 -21.79
N PRO A 91 16.48 17.03 -21.57
CA PRO A 91 15.59 18.04 -22.12
C PRO A 91 15.84 18.26 -23.61
N GLY A 92 14.78 18.54 -24.35
CA GLY A 92 14.94 18.76 -25.78
C GLY A 92 15.41 20.19 -26.04
N LYS A 93 16.18 20.36 -27.12
CA LYS A 93 16.67 21.68 -27.49
C LYS A 93 15.90 22.22 -28.69
N VAL A 101 10.16 21.41 -26.54
CA VAL A 101 10.16 21.27 -25.09
C VAL A 101 9.90 19.84 -24.65
N LYS A 102 9.65 18.96 -25.62
CA LYS A 102 9.41 17.56 -25.32
C LYS A 102 10.73 16.80 -25.23
N GLY A 103 11.13 16.45 -24.00
CA GLY A 103 12.37 15.72 -23.79
C GLY A 103 12.25 14.24 -24.06
N ILE A 104 13.21 13.46 -23.58
CA ILE A 104 13.19 12.02 -23.81
C ILE A 104 13.71 11.22 -22.62
N VAL A 105 13.04 10.11 -22.33
CA VAL A 105 13.45 9.24 -21.24
C VAL A 105 14.54 8.33 -21.79
N GLU A 106 15.72 8.38 -21.19
CA GLU A 106 16.85 7.59 -21.65
C GLU A 106 16.97 6.24 -20.96
N ALA A 107 16.75 6.20 -19.65
CA ALA A 107 16.84 4.95 -18.91
C ALA A 107 15.97 4.95 -17.67
N VAL A 108 15.72 3.76 -17.12
CA VAL A 108 14.90 3.62 -15.92
C VAL A 108 15.67 2.91 -14.81
N HIS A 109 15.82 3.57 -13.68
CA HIS A 109 16.54 2.96 -12.55
C HIS A 109 15.79 1.74 -12.06
N GLU A 110 16.50 0.87 -11.33
CA GLU A 110 15.91 -0.35 -10.78
C GLU A 110 14.83 0.03 -9.78
N ARG A 111 13.70 -0.67 -9.85
CA ARG A 111 12.58 -0.42 -8.96
C ARG A 111 12.74 -1.07 -7.59
N THR A 112 12.45 -0.31 -6.54
CA THR A 112 12.55 -0.80 -5.18
C THR A 112 11.36 -1.73 -4.92
N SER A 113 10.29 -1.49 -5.67
CA SER A 113 9.09 -2.29 -5.58
C SER A 113 8.31 -2.06 -6.85
N VAL A 114 7.29 -2.88 -7.08
CA VAL A 114 6.48 -2.74 -8.27
C VAL A 114 5.09 -3.26 -7.98
N LEU A 115 4.09 -2.45 -8.30
CA LEU A 115 2.70 -2.82 -8.09
C LEU A 115 2.21 -3.37 -9.41
N THR A 116 1.57 -4.53 -9.38
CA THR A 116 1.07 -5.16 -10.61
C THR A 116 -0.40 -5.55 -10.55
N ARG A 117 -0.97 -5.85 -11.71
CA ARG A 117 -2.35 -6.27 -11.82
C ARG A 117 -2.42 -7.76 -12.14
N PRO A 118 -3.35 -8.48 -11.49
CA PRO A 118 -3.50 -9.92 -11.74
C PRO A 118 -4.07 -10.21 -13.12
N VAL A 124 0.23 -9.92 -14.27
CA VAL A 124 1.54 -9.51 -13.80
C VAL A 124 2.11 -8.36 -14.61
N LYS A 125 1.28 -7.33 -14.81
CA LYS A 125 1.69 -6.15 -15.55
C LYS A 125 1.84 -5.01 -14.54
N PRO A 126 2.97 -4.29 -14.57
CA PRO A 126 3.20 -3.18 -13.64
C PRO A 126 2.33 -1.96 -13.92
N ILE A 127 1.82 -1.36 -12.86
CA ILE A 127 0.97 -0.17 -12.98
C ILE A 127 1.61 1.00 -12.24
N ALA A 128 2.43 0.69 -11.25
CA ALA A 128 3.12 1.70 -10.46
C ALA A 128 4.43 1.13 -9.94
N ALA A 129 5.40 2.00 -9.71
CA ALA A 129 6.69 1.56 -9.21
C ALA A 129 7.21 2.42 -8.07
N ASN A 130 8.11 1.83 -7.31
CA ASN A 130 8.78 2.46 -6.18
C ASN A 130 7.90 2.90 -5.01
N ILE A 131 6.86 2.14 -4.74
CA ILE A 131 5.96 2.40 -3.63
C ILE A 131 6.73 2.00 -2.37
N ASP A 132 6.69 2.83 -1.34
CA ASP A 132 7.39 2.57 -0.09
C ASP A 132 6.42 2.18 1.00
N GLN A 133 5.17 2.59 0.84
CA GLN A 133 4.19 2.33 1.86
C GLN A 133 2.79 2.28 1.30
N ILE A 134 2.02 1.29 1.70
CA ILE A 134 0.65 1.21 1.23
C ILE A 134 -0.20 1.47 2.46
N VAL A 135 -1.06 2.47 2.36
CA VAL A 135 -1.93 2.88 3.44
C VAL A 135 -3.22 2.09 3.32
N ILE A 136 -3.46 1.19 4.28
CA ILE A 136 -4.67 0.36 4.30
C ILE A 136 -5.75 1.11 5.08
N VAL A 137 -6.77 1.58 4.37
CA VAL A 137 -7.83 2.34 5.01
C VAL A 137 -9.11 1.56 5.25
N SER A 138 -9.59 1.61 6.49
CA SER A 138 -10.84 0.92 6.87
C SER A 138 -11.72 1.93 7.61
N ALA A 139 -12.97 1.55 7.84
CA ALA A 139 -13.92 2.40 8.54
C ALA A 139 -14.98 1.56 9.24
N ILE A 140 -15.60 2.10 10.28
CA ILE A 140 -16.63 1.39 11.03
C ILE A 140 -17.75 1.03 10.07
N LEU A 141 -18.07 1.97 9.18
CA LEU A 141 -19.10 1.78 8.18
C LEU A 141 -18.44 2.11 6.84
N PRO A 142 -18.84 1.43 5.76
CA PRO A 142 -19.85 0.37 5.68
C PRO A 142 -19.53 -0.95 6.40
N GLU A 143 -18.25 -1.30 6.47
CA GLU A 143 -17.87 -2.56 7.11
C GLU A 143 -16.43 -2.59 7.61
N LEU A 144 -16.25 -2.89 8.88
CA LEU A 144 -14.91 -2.99 9.45
C LEU A 144 -14.49 -4.45 9.43
N SER A 145 -13.87 -4.87 8.32
CA SER A 145 -13.44 -6.26 8.16
C SER A 145 -11.97 -6.54 8.49
N LEU A 146 -11.75 -7.36 9.50
CA LEU A 146 -10.39 -7.72 9.88
C LEU A 146 -9.81 -8.63 8.79
N ASN A 147 -10.66 -9.37 8.11
CA ASN A 147 -10.21 -10.26 7.04
C ASN A 147 -9.65 -9.43 5.89
N ILE A 148 -10.29 -8.31 5.60
CA ILE A 148 -9.84 -7.45 4.51
C ILE A 148 -8.47 -6.87 4.85
N ILE A 149 -8.33 -6.40 6.09
CA ILE A 149 -7.07 -5.84 6.54
C ILE A 149 -5.97 -6.90 6.46
N ASP A 150 -6.26 -8.11 6.95
CA ASP A 150 -5.27 -9.18 6.92
C ASP A 150 -4.86 -9.58 5.51
N ARG A 151 -5.79 -9.53 4.56
CA ARG A 151 -5.45 -9.89 3.18
C ARG A 151 -4.48 -8.85 2.64
N TYR A 152 -4.73 -7.58 2.94
CA TYR A 152 -3.87 -6.49 2.48
C TYR A 152 -2.48 -6.61 3.11
N LEU A 153 -2.43 -6.93 4.40
CA LEU A 153 -1.15 -7.07 5.08
C LEU A 153 -0.34 -8.18 4.42
N VAL A 154 -0.99 -9.25 4.02
CA VAL A 154 -0.29 -10.36 3.34
C VAL A 154 0.29 -9.79 2.05
N GLY A 155 -0.51 -8.96 1.36
CA GLY A 155 -0.06 -8.34 0.14
C GLY A 155 1.16 -7.45 0.38
N CYS A 156 1.14 -6.69 1.47
CA CYS A 156 2.26 -5.82 1.79
C CYS A 156 3.54 -6.60 2.08
N GLU A 157 3.44 -7.62 2.93
CA GLU A 157 4.60 -8.44 3.26
C GLU A 157 5.18 -9.09 2.00
N THR A 158 4.31 -9.54 1.12
CA THR A 158 4.77 -10.18 -0.11
C THR A 158 5.49 -9.21 -1.03
N LEU A 159 4.94 -8.01 -1.19
CA LEU A 159 5.58 -7.00 -2.02
C LEU A 159 6.76 -6.38 -1.29
N GLN A 160 6.86 -6.69 0.00
CA GLN A 160 7.91 -6.18 0.86
C GLN A 160 7.90 -4.66 0.98
N VAL A 161 6.70 -4.12 1.23
CA VAL A 161 6.49 -2.70 1.42
C VAL A 161 5.81 -2.58 2.77
N GLU A 162 6.15 -1.53 3.52
CA GLU A 162 5.57 -1.35 4.85
C GLU A 162 4.12 -0.89 4.78
N PRO A 163 3.26 -1.49 5.61
CA PRO A 163 1.85 -1.10 5.61
C PRO A 163 1.58 -0.02 6.65
N LEU A 164 0.47 0.69 6.48
CA LEU A 164 0.04 1.72 7.42
C LEU A 164 -1.45 1.51 7.55
N ILE A 165 -1.88 1.06 8.73
CA ILE A 165 -3.29 0.78 8.97
C ILE A 165 -4.03 2.01 9.46
N VAL A 166 -4.97 2.47 8.65
CA VAL A 166 -5.76 3.64 9.01
C VAL A 166 -7.23 3.32 9.23
N LEU A 167 -7.71 3.69 10.41
CA LEU A 167 -9.09 3.49 10.80
C LEU A 167 -9.76 4.87 10.69
N ASN A 168 -10.53 5.06 9.63
CA ASN A 168 -11.20 6.32 9.39
C ASN A 168 -12.63 6.33 9.91
N LYS A 169 -13.19 7.54 10.03
CA LYS A 169 -14.56 7.74 10.49
C LYS A 169 -14.75 7.50 11.99
N ILE A 170 -13.73 7.80 12.78
CA ILE A 170 -13.84 7.60 14.22
C ILE A 170 -14.89 8.53 14.83
N ASP A 171 -15.35 9.49 14.04
CA ASP A 171 -16.37 10.43 14.50
C ASP A 171 -17.72 9.73 14.65
N LEU A 172 -17.84 8.55 14.04
CA LEU A 172 -19.07 7.77 14.09
C LEU A 172 -19.18 6.89 15.35
N LEU A 173 -18.19 6.97 16.23
CA LEU A 173 -18.19 6.14 17.44
C LEU A 173 -18.29 6.94 18.74
N ASP A 174 -18.86 6.31 19.76
CA ASP A 174 -18.97 6.94 21.07
C ASP A 174 -17.88 6.29 21.93
N ASP A 175 -17.83 6.66 23.20
CA ASP A 175 -16.83 6.10 24.11
C ASP A 175 -16.74 4.58 24.01
N GLU A 176 -17.88 3.90 24.11
CA GLU A 176 -17.89 2.45 24.02
C GLU A 176 -17.43 1.97 22.64
N GLY A 177 -17.82 2.69 21.60
CA GLY A 177 -17.42 2.33 20.26
C GLY A 177 -15.91 2.44 20.11
N MET A 178 -15.37 3.54 20.64
CA MET A 178 -13.93 3.80 20.59
C MET A 178 -13.11 2.71 21.28
N ASP A 179 -13.51 2.36 22.49
CA ASP A 179 -12.80 1.33 23.25
C ASP A 179 -12.81 0.01 22.51
N PHE A 180 -13.92 -0.32 21.87
CA PHE A 180 -14.01 -1.58 21.15
C PHE A 180 -13.07 -1.57 19.94
N VAL A 181 -13.19 -0.54 19.10
CA VAL A 181 -12.34 -0.44 17.92
C VAL A 181 -10.86 -0.43 18.27
N ASN A 182 -10.49 0.29 19.34
CA ASN A 182 -9.10 0.34 19.75
C ASN A 182 -8.60 -1.03 20.17
N GLU A 183 -9.45 -1.79 20.85
CA GLU A 183 -9.04 -3.13 21.28
C GLU A 183 -8.78 -3.98 20.04
N GLN A 184 -9.59 -3.78 19.00
CA GLN A 184 -9.42 -4.55 17.76
C GLN A 184 -8.09 -4.19 17.12
N MET A 185 -7.80 -2.90 17.04
CA MET A 185 -6.56 -2.43 16.44
C MET A 185 -5.34 -2.85 17.24
N ASP A 186 -5.51 -3.11 18.54
CA ASP A 186 -4.37 -3.53 19.33
C ASP A 186 -3.81 -4.83 18.76
N ILE A 187 -4.67 -5.62 18.11
CA ILE A 187 -4.23 -6.86 17.49
C ILE A 187 -3.06 -6.53 16.57
N TYR A 188 -3.23 -5.43 15.82
CA TYR A 188 -2.22 -4.99 14.88
C TYR A 188 -1.08 -4.24 15.54
N ARG A 189 -1.38 -3.41 16.54
CA ARG A 189 -0.32 -2.67 17.22
C ARG A 189 0.62 -3.67 17.90
N ASN A 190 0.05 -4.73 18.46
CA ASN A 190 0.85 -5.73 19.15
C ASN A 190 1.76 -6.58 18.28
N ILE A 191 1.56 -6.56 16.96
CA ILE A 191 2.45 -7.33 16.10
C ILE A 191 3.38 -6.39 15.33
N GLY A 192 3.49 -5.16 15.81
CA GLY A 192 4.40 -4.19 15.22
C GLY A 192 3.92 -3.20 14.16
N TYR A 193 2.67 -3.28 13.74
CA TYR A 193 2.19 -2.36 12.72
C TYR A 193 1.67 -1.07 13.34
N ARG A 194 1.91 0.06 12.67
CA ARG A 194 1.42 1.33 13.18
C ARG A 194 -0.02 1.55 12.75
N VAL A 195 -0.86 1.88 13.72
CA VAL A 195 -2.28 2.13 13.47
C VAL A 195 -2.63 3.58 13.75
N LEU A 196 -3.43 4.17 12.87
CA LEU A 196 -3.84 5.56 13.07
C LEU A 196 -5.35 5.69 13.05
N MET A 197 -5.89 6.27 14.12
CA MET A 197 -7.32 6.50 14.25
C MET A 197 -7.51 7.91 13.69
N VAL A 198 -8.40 8.07 12.72
CA VAL A 198 -8.61 9.40 12.15
C VAL A 198 -10.06 9.61 11.75
N SER A 199 -10.34 10.84 11.36
CA SER A 199 -11.66 11.25 10.88
C SER A 199 -11.44 12.35 9.87
N SER A 200 -11.73 12.04 8.61
CA SER A 200 -11.56 13.00 7.54
C SER A 200 -12.44 14.22 7.74
N HIS A 201 -13.70 13.99 8.11
CA HIS A 201 -14.65 15.07 8.31
C HIS A 201 -14.31 16.03 9.44
N THR A 202 -13.68 15.53 10.50
CA THR A 202 -13.31 16.38 11.62
C THR A 202 -11.82 16.74 11.56
N GLN A 203 -11.08 16.03 10.71
CA GLN A 203 -9.65 16.26 10.55
C GLN A 203 -8.84 15.78 11.75
N ASP A 204 -9.50 15.10 12.69
CA ASP A 204 -8.80 14.59 13.88
C ASP A 204 -7.83 13.47 13.51
N GLY A 205 -6.64 13.51 14.09
CA GLY A 205 -5.65 12.49 13.81
C GLY A 205 -4.98 12.62 12.45
N LEU A 206 -5.38 13.64 11.69
CA LEU A 206 -4.80 13.84 10.37
C LEU A 206 -3.34 14.25 10.41
N LYS A 207 -2.94 14.96 11.46
CA LYS A 207 -1.55 15.41 11.59
C LYS A 207 -0.57 14.25 11.70
N PRO A 208 -0.85 13.26 12.58
CA PRO A 208 0.08 12.13 12.69
C PRO A 208 0.10 11.32 11.39
N LEU A 209 -1.02 11.35 10.65
CA LEU A 209 -1.10 10.66 9.37
C LEU A 209 -0.15 11.33 8.38
N GLU A 210 -0.14 12.66 8.37
CA GLU A 210 0.75 13.40 7.47
C GLU A 210 2.18 13.04 7.81
N GLU A 211 2.50 13.01 9.10
CA GLU A 211 3.84 12.68 9.55
C GLU A 211 4.27 11.28 9.12
N ALA A 212 3.31 10.37 9.01
CA ALA A 212 3.60 8.99 8.60
C ALA A 212 3.72 8.89 7.08
N LEU A 213 3.17 9.86 6.37
CA LEU A 213 3.20 9.90 4.91
C LEU A 213 4.46 10.58 4.37
N THR A 214 5.00 11.53 5.12
CA THR A 214 6.18 12.27 4.68
C THR A 214 7.41 11.40 4.39
N GLY A 215 8.20 11.82 3.41
CA GLY A 215 9.40 11.07 3.06
C GLY A 215 9.12 9.70 2.46
N ARG A 216 7.90 9.48 1.99
CA ARG A 216 7.58 8.17 1.42
C ARG A 216 6.65 8.26 0.22
N ILE A 217 6.60 7.17 -0.54
CA ILE A 217 5.72 7.10 -1.70
C ILE A 217 4.63 6.10 -1.34
N SER A 218 3.42 6.59 -1.15
CA SER A 218 2.30 5.74 -0.76
C SER A 218 1.21 5.63 -1.81
N ILE A 219 0.26 4.74 -1.50
CA ILE A 219 -0.94 4.51 -2.29
C ILE A 219 -1.98 4.28 -1.20
N PHE A 220 -3.24 4.53 -1.50
CA PHE A 220 -4.28 4.33 -0.51
C PHE A 220 -5.14 3.17 -0.95
N ALA A 221 -4.97 2.04 -0.28
CA ALA A 221 -5.73 0.85 -0.62
C ALA A 221 -6.82 0.66 0.42
N GLY A 222 -7.92 0.06 -0.01
CA GLY A 222 -9.03 -0.18 0.89
C GLY A 222 -10.31 -0.46 0.12
N GLN A 223 -11.30 -1.04 0.79
CA GLN A 223 -12.55 -1.34 0.15
C GLN A 223 -13.31 -0.03 -0.10
N SER A 224 -14.23 -0.05 -1.05
CA SER A 224 -15.01 1.15 -1.38
C SER A 224 -15.80 1.71 -0.20
N GLY A 225 -15.88 3.04 -0.13
CA GLY A 225 -16.63 3.69 0.93
C GLY A 225 -15.97 3.96 2.26
N VAL A 226 -14.71 3.55 2.42
CA VAL A 226 -14.02 3.78 3.68
C VAL A 226 -13.51 5.20 3.84
N GLY A 227 -13.52 5.96 2.74
CA GLY A 227 -13.07 7.34 2.79
C GLY A 227 -11.71 7.63 2.17
N LYS A 228 -11.31 6.87 1.15
CA LYS A 228 -10.02 7.09 0.51
C LYS A 228 -9.97 8.44 -0.21
N SER A 229 -10.92 8.69 -1.11
CA SER A 229 -10.95 9.96 -1.82
C SER A 229 -11.09 11.11 -0.84
N SER A 230 -11.90 10.90 0.20
CA SER A 230 -12.11 11.92 1.20
C SER A 230 -10.82 12.28 1.93
N LEU A 231 -10.09 11.27 2.40
CA LEU A 231 -8.82 11.49 3.10
C LEU A 231 -7.78 12.15 2.18
N LEU A 232 -7.64 11.63 0.96
CA LEU A 232 -6.68 12.19 0.03
C LEU A 232 -6.99 13.65 -0.29
N ASN A 233 -8.26 13.97 -0.50
CA ASN A 233 -8.63 15.34 -0.81
C ASN A 233 -8.31 16.26 0.37
N ALA A 234 -8.59 15.80 1.58
CA ALA A 234 -8.31 16.59 2.76
C ALA A 234 -6.81 16.78 2.92
N LEU A 235 -6.03 15.76 2.60
CA LEU A 235 -4.57 15.85 2.73
C LEU A 235 -3.85 16.61 1.61
N LEU A 236 -4.28 16.40 0.37
CA LEU A 236 -3.65 17.04 -0.78
C LEU A 236 -4.04 18.50 -0.98
N GLY A 237 -5.32 18.82 -0.75
CA GLY A 237 -5.78 20.18 -0.92
C GLY A 237 -5.63 20.60 -2.37
N LEU A 238 -6.12 19.76 -3.28
CA LEU A 238 -6.04 20.03 -4.70
C LEU A 238 -6.84 21.28 -5.04
N GLN A 239 -6.37 22.03 -6.03
CA GLN A 239 -7.04 23.26 -6.46
C GLN A 239 -7.28 23.29 -7.97
N ASN A 240 -6.39 22.62 -8.71
CA ASN A 240 -6.49 22.60 -10.16
C ASN A 240 -6.34 21.20 -10.73
N GLU A 241 -6.62 20.20 -9.90
CA GLU A 241 -6.54 18.81 -10.30
C GLU A 241 -7.61 18.07 -9.52
N ILE A 242 -8.02 16.91 -10.01
CA ILE A 242 -9.00 16.10 -9.33
C ILE A 242 -8.59 14.64 -9.46
N LEU A 243 -8.64 13.91 -8.36
CA LEU A 243 -8.30 12.49 -8.39
C LEU A 243 -9.28 11.82 -9.35
N THR A 244 -8.86 10.72 -9.96
CA THR A 244 -9.77 10.01 -10.86
C THR A 244 -10.83 9.34 -9.97
N ASN A 245 -11.65 10.16 -9.34
CA ASN A 245 -12.71 9.71 -8.44
C ASN A 245 -13.63 8.66 -9.06
N THR A 259 -3.59 2.88 -17.15
CA THR A 259 -2.45 3.78 -17.09
C THR A 259 -2.87 5.17 -16.57
N ALA A 260 -3.81 5.18 -15.63
CA ALA A 260 -4.32 6.41 -15.06
C ALA A 260 -3.55 6.83 -13.81
N ALA A 261 -2.67 5.94 -13.33
CA ALA A 261 -1.90 6.22 -12.13
C ALA A 261 -1.11 7.51 -12.28
N ARG A 262 -1.24 8.38 -11.28
CA ARG A 262 -0.55 9.67 -11.26
C ARG A 262 -0.02 9.89 -9.86
N LEU A 263 1.15 10.52 -9.72
CA LEU A 263 1.68 10.76 -8.39
C LEU A 263 1.51 12.21 -7.99
N TYR A 264 1.16 12.44 -6.73
CA TYR A 264 0.95 13.78 -6.20
C TYR A 264 1.85 14.02 -5.00
N HIS A 265 2.14 15.29 -4.73
CA HIS A 265 2.99 15.63 -3.59
C HIS A 265 2.15 16.17 -2.44
N PHE A 266 2.35 15.64 -1.24
CA PHE A 266 1.65 16.12 -0.06
C PHE A 266 2.36 17.41 0.34
N PRO A 267 1.60 18.37 0.91
CA PRO A 267 2.16 19.66 1.32
C PRO A 267 3.37 19.57 2.26
N HIS A 268 3.36 18.59 3.17
CA HIS A 268 4.45 18.44 4.13
C HIS A 268 5.43 17.31 3.85
N GLY A 269 5.56 16.93 2.58
CA GLY A 269 6.51 15.89 2.23
C GLY A 269 5.89 14.54 1.91
N GLY A 270 6.59 13.76 1.10
CA GLY A 270 6.09 12.45 0.71
C GLY A 270 5.15 12.58 -0.48
N ASP A 271 4.98 11.48 -1.20
CA ASP A 271 4.12 11.44 -2.37
C ASP A 271 3.09 10.33 -2.25
N VAL A 272 2.16 10.34 -3.19
CA VAL A 272 1.13 9.33 -3.28
C VAL A 272 0.80 9.11 -4.75
N ILE A 273 0.71 7.84 -5.12
CA ILE A 273 0.36 7.45 -6.48
C ILE A 273 -1.10 7.03 -6.38
N ASP A 274 -1.94 7.57 -7.24
CA ASP A 274 -3.36 7.26 -7.18
C ASP A 274 -4.03 7.01 -8.52
N SER A 275 -5.16 6.30 -8.46
CA SER A 275 -5.99 5.95 -9.60
C SER A 275 -6.90 4.81 -9.13
N PRO A 276 -7.96 4.50 -9.89
CA PRO A 276 -8.89 3.42 -9.53
C PRO A 276 -8.20 2.08 -9.33
N GLY A 277 -7.40 1.67 -10.32
CA GLY A 277 -6.69 0.41 -10.22
C GLY A 277 -5.79 0.30 -9.00
N VAL A 278 -5.01 1.34 -8.73
CA VAL A 278 -4.12 1.35 -7.59
C VAL A 278 -4.86 1.08 -6.29
N ARG A 279 -5.96 1.79 -6.08
CA ARG A 279 -6.77 1.64 -4.89
C ARG A 279 -7.40 0.25 -4.83
N GLU A 280 -7.66 -0.31 -6.01
CA GLU A 280 -8.26 -1.64 -6.09
C GLU A 280 -7.17 -2.69 -5.90
N PHE A 281 -5.99 -2.23 -5.49
CA PHE A 281 -4.85 -3.11 -5.24
C PHE A 281 -5.37 -4.41 -4.64
N GLY A 282 -5.40 -5.46 -5.45
CA GLY A 282 -5.89 -6.73 -4.95
C GLY A 282 -4.78 -7.73 -4.75
N LEU A 283 -5.15 -8.85 -4.13
CA LEU A 283 -4.21 -9.93 -3.86
C LEU A 283 -4.32 -10.95 -5.00
N TRP A 284 -3.20 -11.22 -5.66
CA TRP A 284 -3.16 -12.18 -6.77
C TRP A 284 -3.05 -13.61 -6.23
N HIS A 285 -2.74 -14.56 -7.09
CA HIS A 285 -2.62 -15.94 -6.64
C HIS A 285 -1.31 -16.16 -5.91
N LEU A 286 -1.41 -16.55 -4.65
CA LEU A 286 -0.23 -16.77 -3.83
C LEU A 286 -0.10 -18.21 -3.36
N GLU A 287 1.14 -18.66 -3.22
CA GLU A 287 1.42 -20.01 -2.76
C GLU A 287 1.26 -20.00 -1.24
N PRO A 288 0.93 -21.15 -0.64
CA PRO A 288 0.74 -21.27 0.81
C PRO A 288 1.84 -20.62 1.64
N GLU A 289 3.08 -20.93 1.32
CA GLU A 289 4.22 -20.39 2.05
C GLU A 289 4.20 -18.85 2.07
N GLN A 290 3.78 -18.24 0.97
CA GLN A 290 3.71 -16.78 0.88
C GLN A 290 2.65 -16.24 1.83
N ILE A 291 1.54 -16.98 1.95
CA ILE A 291 0.46 -16.58 2.82
C ILE A 291 0.98 -16.65 4.26
N THR A 292 1.68 -17.74 4.56
CA THR A 292 2.23 -17.95 5.90
C THR A 292 3.19 -16.83 6.27
N GLN A 293 4.12 -16.51 5.38
CA GLN A 293 5.08 -15.45 5.64
C GLN A 293 4.32 -14.13 5.76
N GLY A 294 3.13 -14.12 5.18
CA GLY A 294 2.28 -12.93 5.20
C GLY A 294 1.73 -12.58 6.56
N PHE A 295 1.97 -13.43 7.57
CA PHE A 295 1.52 -13.17 8.93
C PHE A 295 2.79 -13.08 9.76
N VAL A 296 3.29 -11.85 9.89
CA VAL A 296 4.55 -11.63 10.62
C VAL A 296 4.68 -12.27 11.99
N GLU A 297 3.60 -12.35 12.76
CA GLU A 297 3.71 -12.94 14.09
C GLU A 297 3.89 -14.46 14.06
N PHE A 298 3.80 -15.06 12.88
CA PHE A 298 3.99 -16.51 12.72
C PHE A 298 5.47 -16.88 12.64
N HIS A 299 6.26 -15.98 12.05
CA HIS A 299 7.69 -16.19 11.82
C HIS A 299 8.47 -16.93 12.90
N ASP A 300 8.48 -16.37 14.11
CA ASP A 300 9.20 -16.95 15.22
C ASP A 300 8.77 -18.36 15.63
N TYR A 301 7.58 -18.79 15.20
CA TYR A 301 7.08 -20.11 15.54
C TYR A 301 7.41 -21.14 14.46
N LEU A 302 7.71 -20.67 13.25
CA LEU A 302 8.02 -21.56 12.15
C LEU A 302 9.25 -22.39 12.45
N GLY A 303 9.18 -23.68 12.14
CA GLY A 303 10.29 -24.58 12.40
C GLY A 303 10.21 -25.14 13.81
N HIS A 304 9.20 -24.75 14.57
CA HIS A 304 9.04 -25.23 15.94
C HIS A 304 7.79 -26.05 16.12
N CYS A 305 7.18 -26.45 15.01
CA CYS A 305 5.99 -27.28 15.05
C CYS A 305 6.46 -28.74 15.11
N LYS A 306 5.64 -29.61 15.67
CA LYS A 306 5.97 -31.02 15.78
C LYS A 306 6.44 -31.59 14.44
N TYR A 307 5.67 -31.34 13.39
CA TYR A 307 6.02 -31.83 12.07
C TYR A 307 6.70 -30.74 11.26
N ARG A 308 7.77 -31.11 10.58
CA ARG A 308 8.50 -30.17 9.76
C ARG A 308 7.59 -29.61 8.65
N ASP A 309 6.68 -30.46 8.16
CA ASP A 309 5.76 -30.05 7.11
C ASP A 309 4.36 -29.76 7.68
N CYS A 310 4.31 -29.29 8.92
CA CYS A 310 3.05 -28.94 9.55
C CYS A 310 2.35 -27.87 8.72
N LYS A 311 1.07 -28.07 8.41
CA LYS A 311 0.32 -27.10 7.61
C LYS A 311 -0.36 -26.06 8.50
N HIS A 312 -0.09 -26.15 9.81
CA HIS A 312 -0.63 -25.19 10.77
C HIS A 312 -2.16 -25.12 10.79
N ASP A 313 -2.81 -26.25 10.64
CA ASP A 313 -4.27 -26.29 10.65
C ASP A 313 -4.71 -27.13 11.84
N ALA A 314 -4.95 -28.42 11.61
CA ALA A 314 -5.37 -29.33 12.67
C ALA A 314 -4.19 -30.21 13.06
N ASP A 315 -3.07 -30.03 12.37
CA ASP A 315 -1.87 -30.82 12.60
C ASP A 315 -1.49 -30.92 14.08
N PRO A 316 -1.15 -32.14 14.55
CA PRO A 316 -0.77 -32.35 15.95
C PRO A 316 0.46 -31.52 16.29
N GLY A 317 0.47 -30.95 17.50
CA GLY A 317 1.60 -30.16 17.94
C GLY A 317 2.01 -28.93 17.13
N CYS A 318 1.05 -28.27 16.47
CA CYS A 318 1.39 -27.07 15.71
C CYS A 318 1.69 -25.94 16.69
N ALA A 319 2.88 -25.35 16.58
CA ALA A 319 3.28 -24.26 17.46
C ALA A 319 2.43 -23.00 17.25
N ILE A 320 2.00 -22.76 16.02
CA ILE A 320 1.18 -21.59 15.72
C ILE A 320 -0.20 -21.73 16.35
N ARG A 321 -0.85 -22.89 16.17
CA ARG A 321 -2.18 -23.10 16.73
C ARG A 321 -2.19 -22.99 18.25
N GLU A 322 -1.21 -23.60 18.89
CA GLU A 322 -1.12 -23.54 20.34
C GLU A 322 -0.97 -22.10 20.80
N ALA A 323 -0.22 -21.31 20.05
CA ALA A 323 -0.01 -19.91 20.38
C ALA A 323 -1.34 -19.18 20.31
N VAL A 324 -2.21 -19.65 19.41
CA VAL A 324 -3.53 -19.05 19.28
C VAL A 324 -4.34 -19.45 20.51
N GLU A 325 -4.21 -20.70 20.93
CA GLU A 325 -4.94 -21.21 22.08
C GLU A 325 -4.48 -20.60 23.41
N ASN A 326 -3.27 -20.05 23.45
CA ASN A 326 -2.73 -19.43 24.65
C ASN A 326 -3.02 -17.94 24.69
N GLY A 327 -3.33 -17.36 23.53
CA GLY A 327 -3.61 -15.94 23.45
C GLY A 327 -2.44 -15.12 22.91
N ALA A 328 -1.35 -15.79 22.56
CA ALA A 328 -0.17 -15.10 22.03
C ALA A 328 -0.43 -14.61 20.60
N ILE A 329 -1.31 -15.31 19.90
CA ILE A 329 -1.67 -14.92 18.53
C ILE A 329 -3.19 -14.77 18.54
N ALA A 330 -3.68 -13.70 17.91
CA ALA A 330 -5.11 -13.43 17.85
C ALA A 330 -5.86 -14.48 17.04
N GLU A 331 -7.02 -14.89 17.55
CA GLU A 331 -7.85 -15.89 16.87
C GLU A 331 -8.28 -15.49 15.46
N THR A 332 -8.66 -14.23 15.29
CA THR A 332 -9.08 -13.78 13.97
C THR A 332 -7.94 -13.87 12.97
N ARG A 333 -6.72 -13.60 13.44
CA ARG A 333 -5.55 -13.67 12.56
C ARG A 333 -5.35 -15.10 12.08
N PHE A 334 -5.45 -16.06 12.99
CA PHE A 334 -5.30 -17.46 12.63
C PHE A 334 -6.45 -17.88 11.71
N GLU A 335 -7.66 -17.51 12.09
CA GLU A 335 -8.85 -17.82 11.33
C GLU A 335 -8.75 -17.22 9.92
N ASN A 336 -8.39 -15.95 9.83
CA ASN A 336 -8.28 -15.33 8.52
C ASN A 336 -7.14 -15.93 7.71
N TYR A 337 -6.07 -16.33 8.39
CA TYR A 337 -4.95 -16.95 7.71
C TYR A 337 -5.49 -18.15 6.93
N HIS A 338 -6.33 -18.96 7.58
CA HIS A 338 -6.92 -20.12 6.91
C HIS A 338 -7.91 -19.74 5.83
N ARG A 339 -8.70 -18.70 6.07
CA ARG A 339 -9.66 -18.27 5.06
C ARG A 339 -8.91 -17.84 3.80
N ILE A 340 -7.81 -17.10 3.97
CA ILE A 340 -7.02 -16.65 2.83
C ILE A 340 -6.41 -17.87 2.13
N LEU A 341 -5.89 -18.79 2.92
CA LEU A 341 -5.30 -20.00 2.39
C LEU A 341 -6.33 -20.68 1.50
N GLU A 342 -7.55 -20.82 2.00
CA GLU A 342 -8.63 -21.46 1.27
C GLU A 342 -9.07 -20.78 -0.02
N SER A 343 -9.17 -19.45 -0.02
CA SER A 343 -9.60 -18.72 -1.22
C SER A 343 -8.57 -18.73 -2.34
N MET A 344 -7.42 -19.34 -2.11
CA MET A 344 -6.37 -19.41 -3.13
C MET A 344 -6.50 -20.67 -3.96
N ALA A 345 -6.35 -21.82 -3.30
CA ALA A 345 -6.45 -23.11 -3.97
C ALA A 345 -6.33 -24.23 -2.94
#